data_7ZYS
#
_entry.id   7ZYS
#
_cell.length_a   48.815
_cell.length_b   60.676
_cell.length_c   82.711
_cell.angle_alpha   90.000
_cell.angle_beta   90.000
_cell.angle_gamma   90.000
#
_symmetry.space_group_name_H-M   'P 21 21 21'
#
loop_
_entity.id
_entity.type
_entity.pdbx_description
1 polymer 'Serine protease subunit NS2B'
2 polymer 'Serine protease NS3'
3 non-polymer 1-[(8~{R},15~{S},18~{S})-18-(4-azanylbutyl)-15-butyl-4,7,14,17,20-pentakis(oxidanylidene)-3,6,13,16,19-pentazabicyclo[20.3.1]hexacosa-1(26),22,24-trien-8-yl]guanidine
4 water water
#
loop_
_entity_poly.entity_id
_entity_poly.type
_entity_poly.pdbx_seq_one_letter_code
_entity_poly.pdbx_strand_id
1 'polypeptide(L)' MTGKSVDMYIERAGDITWEKDAEVTGNSPRLDVALDESGDFSLVEEDGPPMRE A
2 'polypeptide(L)'
;GSGALWDVPAPKEVKKGETTDGVYRVMTRRLLGSTQVGVGVMQEGVFHTMWHVTKGAALRSGEGRLDPYWGDVKQDLVSY
CGPWKLDAAWDGLSEVQLLAVPPGERAKNIQTLPGIFKTKDGDIGAVALDYPAGTSGSPILDKCGRVIGLYGNGVVIKNG
SYVSAITQGKREEETPVE
;
B
#
# COMPACT_ATOMS: atom_id res chain seq x y z
N VAL A 6 23.07 -1.93 -1.41
CA VAL A 6 21.96 -2.82 -1.77
C VAL A 6 21.24 -2.29 -3.00
N ASP A 7 21.03 -3.17 -3.98
CA ASP A 7 20.32 -2.83 -5.21
C ASP A 7 18.83 -2.98 -4.92
N MET A 8 18.13 -1.86 -4.74
CA MET A 8 16.67 -1.86 -4.61
C MET A 8 16.07 -1.36 -5.92
N TYR A 9 15.22 -2.19 -6.55
CA TYR A 9 14.77 -1.92 -7.90
C TYR A 9 13.31 -2.32 -8.03
N ILE A 10 12.66 -1.82 -9.08
CA ILE A 10 11.24 -2.10 -9.30
C ILE A 10 11.07 -2.90 -10.59
N GLU A 11 10.00 -3.70 -10.61
CA GLU A 11 9.65 -4.55 -11.74
C GLU A 11 8.15 -4.47 -11.96
N ARG A 12 7.72 -4.23 -13.19
CA ARG A 12 6.29 -4.11 -13.42
C ARG A 12 5.59 -5.44 -13.14
N ALA A 13 4.41 -5.36 -12.54
CA ALA A 13 3.70 -6.56 -12.14
C ALA A 13 2.27 -6.62 -12.61
N GLY A 14 1.77 -5.60 -13.29
CA GLY A 14 0.43 -5.71 -13.83
C GLY A 14 -0.24 -4.35 -14.00
N ASP A 15 -1.44 -4.42 -14.57
CA ASP A 15 -2.29 -3.27 -14.73
C ASP A 15 -3.15 -3.10 -13.48
N ILE A 16 -3.59 -1.87 -13.24
CA ILE A 16 -4.43 -1.56 -12.07
C ILE A 16 -5.87 -1.47 -12.57
N THR A 17 -6.66 -2.51 -12.28
CA THR A 17 -8.00 -2.67 -12.80
C THR A 17 -8.88 -3.33 -11.74
N TRP A 18 -10.10 -2.81 -11.60
CA TRP A 18 -11.10 -3.45 -10.76
C TRP A 18 -11.61 -4.72 -11.44
N GLU A 19 -11.78 -5.79 -10.67
CA GLU A 19 -12.25 -7.06 -11.19
C GLU A 19 -13.75 -7.18 -10.94
N LYS A 20 -14.51 -7.36 -12.01
CA LYS A 20 -15.95 -7.58 -11.86
C LYS A 20 -16.19 -8.96 -11.25
N ASP A 21 -17.25 -9.07 -10.46
CA ASP A 21 -17.63 -10.34 -9.83
C ASP A 21 -16.46 -10.97 -9.06
N ALA A 22 -15.86 -10.18 -8.17
CA ALA A 22 -14.67 -10.64 -7.44
C ALA A 22 -15.04 -11.43 -6.19
N GLU A 23 -14.07 -12.19 -5.70
CA GLU A 23 -14.23 -12.88 -4.42
C GLU A 23 -14.24 -11.87 -3.30
N VAL A 24 -15.23 -11.99 -2.41
CA VAL A 24 -15.43 -11.09 -1.27
C VAL A 24 -15.04 -11.83 -0.01
N THR A 25 -14.27 -11.19 0.84
CA THR A 25 -13.88 -11.84 2.08
C THR A 25 -13.47 -10.79 3.09
N GLY A 26 -13.32 -11.24 4.33
CA GLY A 26 -12.91 -10.39 5.42
C GLY A 26 -14.09 -9.77 6.13
N ASN A 27 -13.90 -9.50 7.41
CA ASN A 27 -14.92 -8.80 8.18
C ASN A 27 -14.65 -7.30 8.10
N SER A 28 -15.32 -6.52 8.95
CA SER A 28 -15.28 -5.06 8.92
C SER A 28 -15.05 -4.56 10.35
N PRO A 29 -13.85 -4.77 10.88
CA PRO A 29 -13.64 -4.55 12.32
C PRO A 29 -13.63 -3.08 12.66
N ARG A 30 -14.13 -2.78 13.86
CA ARG A 30 -14.19 -1.44 14.40
C ARG A 30 -13.19 -1.38 15.54
N LEU A 31 -12.05 -0.72 15.32
CA LEU A 31 -10.92 -0.78 16.22
C LEU A 31 -10.51 0.62 16.66
N ASP A 32 -10.17 0.75 17.94
CA ASP A 32 -9.59 1.98 18.48
C ASP A 32 -8.08 1.88 18.41
N VAL A 33 -7.45 2.84 17.72
CA VAL A 33 -6.02 2.79 17.47
C VAL A 33 -5.42 4.17 17.72
N ALA A 34 -4.12 4.16 18.00
CA ALA A 34 -3.31 5.36 18.12
C ALA A 34 -2.22 5.33 17.05
N LEU A 35 -1.94 6.48 16.47
CA LEU A 35 -0.90 6.65 15.45
C LEU A 35 0.19 7.53 16.04
N ASP A 36 1.41 7.01 16.14
CA ASP A 36 2.50 7.80 16.70
C ASP A 36 3.25 8.54 15.59
N GLU A 37 4.21 9.37 16.00
CA GLU A 37 4.87 10.25 15.05
C GLU A 37 5.77 9.52 14.08
N SER A 38 6.09 8.26 14.37
N SER A 38 6.09 8.27 14.36
CA SER A 38 6.90 7.44 13.49
CA SER A 38 6.91 7.48 13.44
C SER A 38 6.08 6.65 12.48
C SER A 38 6.07 6.54 12.58
N GLY A 39 4.74 6.73 12.56
CA GLY A 39 3.90 5.97 11.66
C GLY A 39 3.46 4.63 12.19
N ASP A 40 3.63 4.36 13.47
CA ASP A 40 3.16 3.12 14.07
C ASP A 40 1.70 3.26 14.48
N PHE A 41 0.87 2.32 14.05
CA PHE A 41 -0.47 2.15 14.60
C PHE A 41 -0.43 1.10 15.68
N SER A 42 -1.03 1.40 16.84
N SER A 42 -1.05 1.40 16.83
CA SER A 42 -1.15 0.43 17.91
CA SER A 42 -1.15 0.46 17.93
C SER A 42 -2.56 0.48 18.47
C SER A 42 -2.58 0.47 18.45
N LEU A 43 -3.07 -0.69 18.85
CA LEU A 43 -4.37 -0.78 19.49
C LEU A 43 -4.31 -0.05 20.82
N VAL A 44 -5.38 0.65 21.14
CA VAL A 44 -5.48 1.32 22.43
C VAL A 44 -5.91 0.29 23.45
N THR B 19 8.90 4.44 -16.34
CA THR B 19 7.84 4.89 -15.46
C THR B 19 6.45 4.72 -16.07
N THR B 20 6.22 3.60 -16.76
CA THR B 20 4.90 3.34 -17.33
C THR B 20 3.88 3.02 -16.23
N ASP B 21 2.65 3.52 -16.39
CA ASP B 21 1.63 3.33 -15.38
C ASP B 21 1.43 1.85 -15.07
N GLY B 22 1.18 1.54 -13.80
CA GLY B 22 0.89 0.18 -13.41
C GLY B 22 1.31 -0.07 -11.98
N VAL B 23 1.17 -1.33 -11.56
CA VAL B 23 1.62 -1.77 -10.24
C VAL B 23 2.95 -2.50 -10.42
N TYR B 24 3.86 -2.31 -9.46
CA TYR B 24 5.22 -2.79 -9.55
C TYR B 24 5.60 -3.49 -8.26
N ARG B 25 6.45 -4.51 -8.38
CA ARG B 25 7.15 -5.08 -7.23
C ARG B 25 8.38 -4.24 -6.91
N VAL B 26 8.68 -4.11 -5.62
CA VAL B 26 9.91 -3.50 -5.12
C VAL B 26 10.78 -4.62 -4.58
N MET B 27 11.95 -4.78 -5.18
CA MET B 27 12.84 -5.91 -4.93
C MET B 27 14.17 -5.41 -4.39
N THR B 28 14.84 -6.27 -3.62
CA THR B 28 16.22 -6.02 -3.23
C THR B 28 17.06 -7.24 -3.61
N ARG B 29 18.30 -6.98 -4.00
CA ARG B 29 19.25 -8.06 -4.21
C ARG B 29 20.63 -7.58 -3.79
N ARG B 30 21.45 -8.51 -3.34
CA ARG B 30 22.87 -8.25 -3.11
C ARG B 30 23.66 -9.13 -4.06
N LEU B 31 24.37 -10.13 -3.52
CA LEU B 31 25.17 -11.02 -4.35
C LEU B 31 24.41 -12.27 -4.78
N LEU B 32 23.35 -12.64 -4.08
CA LEU B 32 22.60 -13.84 -4.41
C LEU B 32 21.25 -13.49 -5.03
N GLY B 33 20.19 -14.15 -4.59
CA GLY B 33 18.88 -13.94 -5.15
C GLY B 33 18.23 -12.66 -4.66
N SER B 34 17.00 -12.45 -5.12
N SER B 34 17.00 -12.46 -5.11
CA SER B 34 16.24 -11.26 -4.83
CA SER B 34 16.24 -11.26 -4.82
C SER B 34 15.17 -11.55 -3.78
C SER B 34 15.16 -11.55 -3.79
N THR B 35 14.75 -10.49 -3.09
CA THR B 35 13.67 -10.56 -2.12
C THR B 35 12.69 -9.45 -2.47
N GLN B 36 11.40 -9.76 -2.48
CA GLN B 36 10.38 -8.74 -2.67
C GLN B 36 10.10 -8.10 -1.31
N VAL B 37 10.43 -6.83 -1.18
CA VAL B 37 10.17 -6.08 0.05
C VAL B 37 8.88 -5.29 0.01
N GLY B 38 8.32 -5.06 -1.18
CA GLY B 38 7.07 -4.35 -1.26
C GLY B 38 6.57 -4.22 -2.68
N VAL B 39 5.69 -3.24 -2.84
CA VAL B 39 4.89 -3.02 -4.05
C VAL B 39 4.67 -1.52 -4.12
N GLY B 40 4.40 -1.01 -5.32
CA GLY B 40 3.98 0.38 -5.42
C GLY B 40 3.25 0.64 -6.73
N VAL B 41 2.81 1.88 -6.88
CA VAL B 41 1.97 2.33 -7.97
C VAL B 41 2.68 3.41 -8.76
N MET B 42 2.80 3.21 -10.07
CA MET B 42 3.27 4.25 -10.97
C MET B 42 2.04 4.91 -11.57
N GLN B 43 1.91 6.22 -11.36
CA GLN B 43 0.82 7.00 -11.95
C GLN B 43 1.33 8.40 -12.24
N GLU B 44 1.05 8.89 -13.44
CA GLU B 44 1.43 10.25 -13.83
C GLU B 44 2.93 10.49 -13.64
N GLY B 45 3.73 9.46 -13.93
CA GLY B 45 5.18 9.59 -13.88
C GLY B 45 5.79 9.53 -12.49
N VAL B 46 4.99 9.27 -11.47
CA VAL B 46 5.43 9.25 -10.08
C VAL B 46 5.22 7.86 -9.51
N PHE B 47 6.21 7.38 -8.77
CA PHE B 47 6.13 6.09 -8.11
C PHE B 47 5.74 6.30 -6.65
N HIS B 48 4.75 5.54 -6.19
CA HIS B 48 4.14 5.69 -4.88
C HIS B 48 4.27 4.39 -4.11
N THR B 49 4.84 4.45 -2.92
CA THR B 49 4.93 3.24 -2.08
C THR B 49 4.91 3.65 -0.61
N MET B 50 5.04 2.66 0.26
CA MET B 50 5.07 2.92 1.69
C MET B 50 6.51 3.14 2.15
N TRP B 51 6.69 4.06 3.10
CA TRP B 51 8.02 4.39 3.57
C TRP B 51 8.74 3.16 4.09
N HIS B 52 8.05 2.28 4.83
CA HIS B 52 8.74 1.15 5.43
C HIS B 52 9.26 0.17 4.39
N VAL B 53 8.82 0.27 3.14
CA VAL B 53 9.32 -0.59 2.08
C VAL B 53 10.72 -0.18 1.66
N THR B 54 10.93 1.11 1.41
CA THR B 54 12.19 1.61 0.86
C THR B 54 13.03 2.37 1.86
N LYS B 55 12.48 2.70 3.03
CA LYS B 55 13.13 3.57 4.02
C LYS B 55 13.50 4.91 3.40
N GLY B 56 12.78 5.28 2.36
CA GLY B 56 12.97 6.58 1.76
C GLY B 56 14.20 6.70 0.93
N ALA B 57 14.81 5.58 0.51
CA ALA B 57 16.02 5.52 -0.30
C ALA B 57 15.69 5.46 -1.80
N ALA B 58 16.71 5.73 -2.63
CA ALA B 58 16.50 5.76 -4.08
C ALA B 58 16.18 4.37 -4.64
N LEU B 59 15.53 4.36 -5.80
CA LEU B 59 15.16 3.13 -6.48
C LEU B 59 15.77 3.09 -7.88
N ARG B 60 16.05 1.89 -8.35
CA ARG B 60 16.42 1.66 -9.74
C ARG B 60 15.20 1.16 -10.51
N SER B 61 15.06 1.64 -11.74
CA SER B 61 14.01 1.17 -12.65
C SER B 61 14.73 0.92 -13.97
N GLY B 62 15.01 -0.33 -14.25
CA GLY B 62 15.81 -0.63 -15.43
C GLY B 62 17.18 -0.01 -15.27
N GLU B 63 17.56 0.83 -16.23
CA GLU B 63 18.83 1.55 -16.19
C GLU B 63 18.71 2.92 -15.54
N GLY B 64 17.52 3.31 -15.09
CA GLY B 64 17.31 4.62 -14.55
C GLY B 64 17.21 4.64 -13.03
N ARG B 65 17.45 5.82 -12.47
CA ARG B 65 17.36 6.04 -11.03
C ARG B 65 16.16 6.90 -10.72
N LEU B 66 15.38 6.48 -9.73
CA LEU B 66 14.23 7.25 -9.26
C LEU B 66 14.59 7.83 -7.89
N ASP B 67 14.52 9.15 -7.77
CA ASP B 67 14.90 9.81 -6.54
C ASP B 67 13.68 10.13 -5.70
N PRO B 68 13.78 9.97 -4.38
CA PRO B 68 12.66 10.36 -3.51
C PRO B 68 12.36 11.84 -3.70
N TYR B 69 11.07 12.17 -3.68
CA TYR B 69 10.59 13.52 -3.91
C TYR B 69 9.79 14.05 -2.75
N TRP B 70 8.78 13.30 -2.31
CA TRP B 70 7.96 13.65 -1.16
C TRP B 70 7.87 12.43 -0.26
N GLY B 71 7.66 12.66 1.03
CA GLY B 71 7.38 11.54 1.92
C GLY B 71 7.00 12.04 3.29
N ASP B 72 6.52 11.10 4.11
CA ASP B 72 6.04 11.44 5.45
C ASP B 72 6.04 10.15 6.27
N VAL B 73 6.94 10.05 7.26
CA VAL B 73 7.04 8.82 8.04
C VAL B 73 5.77 8.56 8.84
N LYS B 74 5.07 9.60 9.28
CA LYS B 74 3.86 9.38 10.07
C LYS B 74 2.77 8.73 9.22
N GLN B 75 2.64 9.14 7.97
CA GLN B 75 1.72 8.50 7.05
C GLN B 75 2.27 7.21 6.50
N ASP B 76 3.57 6.96 6.66
CA ASP B 76 4.23 5.80 6.10
C ASP B 76 4.15 5.77 4.57
N LEU B 77 4.40 6.92 3.96
CA LEU B 77 4.32 7.06 2.50
C LEU B 77 5.53 7.78 1.93
N VAL B 78 5.82 7.49 0.66
N VAL B 78 5.87 7.43 0.69
CA VAL B 78 6.91 8.13 -0.07
CA VAL B 78 6.91 8.10 -0.09
C VAL B 78 6.58 8.10 -1.56
C VAL B 78 6.48 8.14 -1.55
N SER B 79 6.88 9.20 -2.23
CA SER B 79 6.76 9.29 -3.69
C SER B 79 8.11 9.61 -4.31
N TYR B 80 8.28 9.13 -5.54
CA TYR B 80 9.50 9.25 -6.33
C TYR B 80 9.20 10.00 -7.62
N CYS B 81 10.11 10.90 -8.00
CA CYS B 81 10.08 11.62 -9.27
C CYS B 81 9.18 12.85 -9.28
N GLY B 82 8.26 12.95 -8.33
CA GLY B 82 7.34 14.05 -8.29
C GLY B 82 6.46 13.93 -7.06
N PRO B 83 5.57 14.90 -6.88
CA PRO B 83 4.69 14.89 -5.71
C PRO B 83 3.64 13.78 -5.79
N TRP B 84 3.07 13.48 -4.62
CA TRP B 84 2.04 12.45 -4.51
C TRP B 84 0.85 12.77 -5.43
N LYS B 85 0.48 11.79 -6.27
CA LYS B 85 -0.55 12.01 -7.30
C LYS B 85 -1.87 11.32 -7.00
N LEU B 86 -1.92 10.39 -6.06
CA LEU B 86 -3.12 9.58 -5.84
C LEU B 86 -4.08 10.36 -4.96
N ASP B 87 -5.20 10.79 -5.53
CA ASP B 87 -6.11 11.69 -4.87
C ASP B 87 -7.45 11.07 -4.52
N ALA B 88 -7.75 9.88 -5.00
CA ALA B 88 -9.07 9.32 -4.74
C ALA B 88 -9.20 8.92 -3.27
N ALA B 89 -10.40 9.07 -2.74
CA ALA B 89 -10.68 8.78 -1.34
C ALA B 89 -11.72 7.68 -1.24
N TRP B 90 -11.56 6.79 -0.26
CA TRP B 90 -12.64 5.88 0.07
C TRP B 90 -13.88 6.70 0.43
N ASP B 91 -15.03 6.31 -0.11
CA ASP B 91 -16.25 7.07 0.11
C ASP B 91 -16.87 6.83 1.48
N GLY B 92 -16.23 6.01 2.32
CA GLY B 92 -16.73 5.74 3.65
C GLY B 92 -17.91 4.83 3.70
N LEU B 93 -18.24 4.16 2.59
CA LEU B 93 -19.45 3.36 2.49
C LEU B 93 -19.27 2.06 1.70
N SER B 94 -18.60 2.13 0.56
CA SER B 94 -18.63 1.07 -0.43
C SER B 94 -17.54 0.02 -0.20
N GLU B 95 -17.78 -1.16 -0.78
CA GLU B 95 -16.75 -2.18 -0.85
C GLU B 95 -15.59 -1.69 -1.73
N VAL B 96 -14.41 -2.24 -1.45
CA VAL B 96 -13.17 -1.87 -2.12
C VAL B 96 -12.49 -3.16 -2.56
N GLN B 97 -11.44 -3.03 -3.39
CA GLN B 97 -10.62 -4.19 -3.74
C GLN B 97 -9.17 -3.93 -3.40
N LEU B 98 -8.55 -4.88 -2.73
CA LEU B 98 -7.09 -4.94 -2.64
C LEU B 98 -6.58 -5.62 -3.89
N LEU B 99 -5.70 -4.95 -4.62
CA LEU B 99 -4.97 -5.57 -5.72
C LEU B 99 -3.67 -6.06 -5.13
N ALA B 100 -3.73 -7.23 -4.53
CA ALA B 100 -2.58 -7.77 -3.82
C ALA B 100 -1.55 -8.28 -4.80
N VAL B 101 -0.28 -7.93 -4.55
CA VAL B 101 0.82 -8.44 -5.37
C VAL B 101 1.78 -9.15 -4.42
N PRO B 102 1.47 -10.37 -3.99
CA PRO B 102 2.29 -11.04 -2.99
C PRO B 102 3.60 -11.51 -3.62
N PRO B 103 4.64 -11.66 -2.81
CA PRO B 103 5.89 -12.24 -3.34
C PRO B 103 5.64 -13.56 -4.05
N GLY B 104 6.18 -13.69 -5.26
CA GLY B 104 6.11 -14.94 -5.98
C GLY B 104 4.75 -15.31 -6.54
N GLU B 105 3.77 -14.40 -6.52
CA GLU B 105 2.43 -14.67 -7.01
C GLU B 105 1.95 -13.52 -7.89
N ARG B 106 1.13 -13.83 -8.91
CA ARG B 106 0.65 -12.74 -9.75
C ARG B 106 -0.42 -11.93 -9.02
N ALA B 107 -0.62 -10.70 -9.49
CA ALA B 107 -1.57 -9.81 -8.88
C ALA B 107 -2.96 -10.45 -8.84
N LYS B 108 -3.65 -10.26 -7.72
CA LYS B 108 -5.01 -10.76 -7.57
C LYS B 108 -5.87 -9.73 -6.85
N ASN B 109 -7.14 -9.68 -7.22
CA ASN B 109 -8.08 -8.74 -6.64
C ASN B 109 -8.90 -9.42 -5.56
N ILE B 110 -9.00 -8.78 -4.40
N ILE B 110 -8.98 -8.81 -4.39
CA ILE B 110 -9.79 -9.28 -3.28
CA ILE B 110 -9.81 -9.32 -3.30
C ILE B 110 -10.75 -8.18 -2.87
C ILE B 110 -10.74 -8.20 -2.86
N GLN B 111 -12.05 -8.47 -2.91
CA GLN B 111 -13.04 -7.47 -2.54
C GLN B 111 -13.42 -7.62 -1.06
N THR B 112 -13.66 -6.48 -0.41
CA THR B 112 -13.98 -6.49 1.02
C THR B 112 -14.73 -5.21 1.38
N LEU B 113 -15.52 -5.28 2.46
CA LEU B 113 -16.11 -4.08 3.04
C LEU B 113 -15.19 -3.62 4.16
N PRO B 114 -14.54 -2.47 4.04
CA PRO B 114 -13.64 -2.03 5.11
C PRO B 114 -14.35 -1.89 6.45
N GLY B 115 -13.59 -2.16 7.50
CA GLY B 115 -13.87 -1.64 8.83
C GLY B 115 -13.25 -0.27 9.00
N ILE B 116 -13.03 0.11 10.27
CA ILE B 116 -12.65 1.47 10.63
C ILE B 116 -11.60 1.42 11.73
N PHE B 117 -10.50 2.15 11.53
CA PHE B 117 -9.61 2.54 12.61
C PHE B 117 -10.15 3.86 13.15
N LYS B 118 -10.58 3.87 14.40
CA LYS B 118 -11.04 5.09 15.05
C LYS B 118 -9.86 5.68 15.80
N THR B 119 -9.46 6.90 15.44
CA THR B 119 -8.36 7.57 16.10
C THR B 119 -8.85 8.89 16.68
N LYS B 120 -8.05 9.46 17.58
CA LYS B 120 -8.42 10.74 18.18
C LYS B 120 -8.60 11.83 17.13
N ASP B 121 -8.04 11.65 15.94
CA ASP B 121 -8.08 12.67 14.89
C ASP B 121 -9.04 12.30 13.76
N GLY B 122 -9.81 11.23 13.91
CA GLY B 122 -10.79 10.85 12.91
C GLY B 122 -10.70 9.38 12.54
N ASP B 123 -11.62 8.97 11.68
CA ASP B 123 -11.74 7.59 11.25
C ASP B 123 -10.94 7.37 9.97
N ILE B 124 -10.37 6.18 9.84
CA ILE B 124 -9.67 5.73 8.64
C ILE B 124 -10.23 4.37 8.26
N GLY B 125 -10.60 4.20 7.00
CA GLY B 125 -10.97 2.88 6.54
C GLY B 125 -9.83 1.88 6.76
N ALA B 126 -10.21 0.62 6.98
CA ALA B 126 -9.22 -0.42 7.26
C ALA B 126 -9.73 -1.75 6.73
N VAL B 127 -8.82 -2.55 6.16
CA VAL B 127 -9.20 -3.81 5.53
C VAL B 127 -8.62 -4.97 6.30
N ALA B 128 -9.47 -5.95 6.59
CA ALA B 128 -9.11 -7.15 7.34
C ALA B 128 -8.71 -8.25 6.35
N LEU B 129 -7.54 -8.03 5.74
CA LEU B 129 -6.96 -8.91 4.73
C LEU B 129 -5.51 -9.10 5.11
N ASP B 130 -5.03 -10.34 5.06
CA ASP B 130 -3.73 -10.72 5.61
C ASP B 130 -2.87 -11.35 4.53
N TYR B 131 -1.76 -10.70 4.21
CA TYR B 131 -0.83 -11.11 3.17
C TYR B 131 0.60 -10.97 3.68
N PRO B 132 1.56 -11.58 2.99
CA PRO B 132 2.96 -11.48 3.44
C PRO B 132 3.45 -10.04 3.51
N ALA B 133 4.50 -9.84 4.33
CA ALA B 133 5.08 -8.50 4.52
C ALA B 133 5.42 -7.82 3.20
N GLY B 134 5.95 -8.58 2.23
CA GLY B 134 6.34 -7.99 0.97
C GLY B 134 5.20 -7.58 0.07
N THR B 135 3.97 -7.76 0.51
CA THR B 135 2.79 -7.25 -0.17
C THR B 135 2.56 -5.77 0.14
N SER B 136 3.27 -5.23 1.12
CA SER B 136 3.18 -3.83 1.49
C SER B 136 3.29 -2.94 0.28
N GLY B 137 2.40 -1.95 0.19
CA GLY B 137 2.35 -1.03 -0.93
C GLY B 137 1.35 -1.40 -2.00
N SER B 138 0.74 -2.57 -1.90
CA SER B 138 -0.25 -2.96 -2.89
C SER B 138 -1.42 -1.99 -2.85
N PRO B 139 -1.96 -1.63 -4.02
CA PRO B 139 -3.01 -0.62 -4.04
C PRO B 139 -4.37 -1.17 -3.68
N ILE B 140 -5.17 -0.30 -3.06
CA ILE B 140 -6.57 -0.55 -2.74
C ILE B 140 -7.38 0.34 -3.66
N LEU B 141 -8.43 -0.23 -4.26
CA LEU B 141 -9.14 0.38 -5.39
C LEU B 141 -10.61 0.61 -5.07
N ASP B 142 -11.15 1.68 -5.64
CA ASP B 142 -12.60 1.85 -5.72
C ASP B 142 -13.12 1.22 -7.02
N LYS B 143 -14.43 1.26 -7.21
CA LYS B 143 -15.05 0.53 -8.31
C LYS B 143 -14.70 1.13 -9.67
N CYS B 144 -14.19 2.35 -9.71
CA CYS B 144 -13.69 2.94 -10.93
C CYS B 144 -12.24 2.59 -11.19
N GLY B 145 -11.63 1.79 -10.33
CA GLY B 145 -10.24 1.43 -10.48
C GLY B 145 -9.27 2.47 -9.99
N ARG B 146 -9.75 3.52 -9.32
CA ARG B 146 -8.85 4.53 -8.78
C ARG B 146 -8.23 4.02 -7.50
N VAL B 147 -6.99 4.42 -7.26
CA VAL B 147 -6.27 3.98 -6.07
C VAL B 147 -6.67 4.88 -4.91
N ILE B 148 -7.40 4.30 -3.95
CA ILE B 148 -7.85 5.04 -2.78
C ILE B 148 -6.89 4.91 -1.59
N GLY B 149 -5.85 4.11 -1.73
CA GLY B 149 -4.81 4.03 -0.72
C GLY B 149 -3.93 2.83 -0.97
N LEU B 150 -2.92 2.68 -0.10
CA LEU B 150 -1.99 1.58 -0.16
C LEU B 150 -2.13 0.71 1.09
N TYR B 151 -1.94 -0.60 0.89
CA TYR B 151 -2.04 -1.62 1.93
C TYR B 151 -0.73 -1.84 2.64
N GLY B 152 -0.80 -2.00 3.97
CA GLY B 152 0.34 -2.54 4.69
C GLY B 152 0.79 -1.82 5.94
N ASN B 153 0.10 -0.78 6.39
CA ASN B 153 0.39 -0.20 7.70
C ASN B 153 -0.83 -0.48 8.58
N GLY B 154 -0.66 -1.30 9.61
CA GLY B 154 -1.81 -1.79 10.33
C GLY B 154 -1.50 -2.28 11.73
N VAL B 155 -2.37 -3.18 12.21
CA VAL B 155 -2.29 -3.74 13.55
C VAL B 155 -2.57 -5.23 13.48
N VAL B 156 -2.12 -5.94 14.51
CA VAL B 156 -2.44 -7.35 14.70
C VAL B 156 -3.41 -7.44 15.86
N ILE B 157 -4.57 -8.03 15.61
CA ILE B 157 -5.62 -8.14 16.62
C ILE B 157 -5.41 -9.41 17.45
N LYS B 158 -6.32 -9.65 18.40
CA LYS B 158 -6.03 -10.59 19.47
C LYS B 158 -5.70 -11.99 18.95
N ASN B 159 -6.42 -12.45 17.91
CA ASN B 159 -6.23 -13.81 17.41
C ASN B 159 -5.04 -13.94 16.47
N GLY B 160 -4.25 -12.89 16.28
CA GLY B 160 -3.09 -12.94 15.41
C GLY B 160 -3.36 -12.52 13.97
N SER B 161 -4.61 -12.26 13.61
CA SER B 161 -4.90 -11.80 12.27
C SER B 161 -4.61 -10.30 12.14
N TYR B 162 -4.68 -9.81 10.91
CA TYR B 162 -4.17 -8.51 10.54
C TYR B 162 -5.26 -7.60 10.01
N VAL B 163 -5.14 -6.31 10.30
CA VAL B 163 -6.00 -5.27 9.72
C VAL B 163 -5.11 -4.13 9.28
N SER B 164 -5.24 -3.72 8.01
CA SER B 164 -4.44 -2.66 7.43
C SER B 164 -5.26 -1.38 7.27
N ALA B 165 -4.70 -0.24 7.62
CA ALA B 165 -5.32 1.01 7.22
C ALA B 165 -5.36 1.09 5.69
N ILE B 166 -6.34 1.83 5.17
CA ILE B 166 -6.32 2.28 3.78
C ILE B 166 -5.54 3.59 3.82
N THR B 167 -4.24 3.53 3.56
CA THR B 167 -3.39 4.71 3.74
C THR B 167 -3.35 5.51 2.45
N GLN B 168 -3.77 6.77 2.49
CA GLN B 168 -3.77 7.65 1.34
C GLN B 168 -3.05 8.94 1.69
N GLY B 169 -2.30 9.48 0.73
CA GLY B 169 -1.62 10.75 0.88
C GLY B 169 -2.51 11.89 0.43
N LYS B 170 -1.90 13.07 0.31
CA LYS B 170 -2.60 14.25 -0.16
C LYS B 170 -1.96 14.69 -1.46
N ARG B 171 -2.79 14.92 -2.48
CA ARG B 171 -2.32 15.52 -3.72
C ARG B 171 -2.41 17.03 -3.56
N GLU B 172 -1.27 17.68 -3.43
CA GLU B 172 -1.22 19.11 -3.16
C GLU B 172 -1.75 19.88 -4.35
#